data_5EMX
#
_entry.id   5EMX
#
_cell.length_a   94.271
_cell.length_b   94.271
_cell.length_c   76.842
_cell.angle_alpha   90.00
_cell.angle_beta   90.00
_cell.angle_gamma   120.00
#
_symmetry.space_group_name_H-M   'H 3 2'
#
loop_
_entity.id
_entity.type
_entity.pdbx_description
1 polymer 'RNA polymerase-associated protein RTF1'
2 water water
#
_entity_poly.entity_id   1
_entity_poly.type   'polypeptide(L)'
_entity_poly.pdbx_seq_one_letter_code
;GIDPFTEEEANPFPLEGKYKDESDREHLESLPEMERETLLFERSQIMQKYQERKLFAAAGADMKEQQQRAKN
;
_entity_poly.pdbx_strand_id   A,B
#
# COMPACT_ATOMS: atom_id res chain seq x y z
N GLU A 9 23.44 12.14 23.54
CA GLU A 9 22.18 12.46 22.89
C GLU A 9 21.16 12.98 23.92
N ALA A 10 20.59 14.16 23.65
CA ALA A 10 19.63 14.75 24.56
C ALA A 10 18.26 14.11 24.41
N ASN A 11 17.53 14.03 25.51
CA ASN A 11 16.15 13.58 25.48
C ASN A 11 15.33 14.51 24.59
N PRO A 12 14.72 13.99 23.53
CA PRO A 12 14.01 14.88 22.60
C PRO A 12 12.71 15.43 23.14
N PHE A 13 12.09 14.79 24.14
CA PHE A 13 10.79 15.20 24.66
C PHE A 13 10.84 15.16 26.18
N PRO A 14 11.58 16.11 26.78
CA PRO A 14 11.84 16.04 28.22
C PRO A 14 10.66 16.42 29.08
N LEU A 15 9.64 17.06 28.52
CA LEU A 15 8.48 17.51 29.29
C LEU A 15 7.39 16.43 29.23
N GLU A 16 7.18 15.78 30.38
CA GLU A 16 6.19 14.71 30.51
C GLU A 16 6.43 13.55 29.57
N GLY A 17 7.66 13.41 29.09
CA GLY A 17 7.98 12.38 28.14
C GLY A 17 7.37 12.51 26.77
N LYS A 18 6.67 13.63 26.48
CA LYS A 18 5.90 13.79 25.25
C LYS A 18 6.08 15.13 24.58
N TYR A 19 6.59 16.15 25.26
CA TYR A 19 6.63 17.51 24.72
C TYR A 19 8.04 18.05 24.86
N LYS A 20 8.38 18.99 23.97
CA LYS A 20 9.70 19.59 23.95
C LYS A 20 9.85 20.62 25.06
N ASP A 21 8.77 21.35 25.34
CA ASP A 21 8.72 22.50 26.22
C ASP A 21 7.29 23.00 26.26
N GLU A 22 7.04 24.08 26.99
CA GLU A 22 5.66 24.48 27.25
C GLU A 22 4.94 24.93 25.98
N SER A 23 5.61 25.67 25.09
N SER A 23 5.62 25.69 25.11
CA SER A 23 4.90 26.12 23.91
CA SER A 23 4.96 26.12 23.87
C SER A 23 4.56 24.95 22.99
C SER A 23 4.55 24.93 23.03
N ASP A 24 5.41 23.92 22.96
CA ASP A 24 5.11 22.74 22.18
C ASP A 24 3.94 21.98 22.80
N ARG A 25 3.89 21.88 24.13
CA ARG A 25 2.74 21.26 24.77
C ARG A 25 1.45 22.00 24.42
N GLU A 26 1.47 23.32 24.51
CA GLU A 26 0.26 24.09 24.22
C GLU A 26 -0.16 23.93 22.76
N HIS A 27 0.81 23.86 21.87
CA HIS A 27 0.49 23.62 20.47
C HIS A 27 -0.21 22.28 20.30
N LEU A 28 0.38 21.21 20.83
CA LEU A 28 -0.24 19.90 20.63
C LEU A 28 -1.62 19.85 21.27
N GLU A 29 -1.80 20.54 22.40
CA GLU A 29 -3.09 20.57 23.09
C GLU A 29 -4.13 21.40 22.36
N SER A 30 -3.73 22.19 21.37
CA SER A 30 -4.65 22.98 20.56
C SER A 30 -5.10 22.25 19.29
N LEU A 31 -4.49 21.11 18.98
CA LEU A 31 -4.75 20.42 17.72
C LEU A 31 -6.04 19.60 17.78
N PRO A 32 -6.61 19.29 16.62
CA PRO A 32 -7.67 18.30 16.58
C PRO A 32 -7.19 16.99 17.15
N GLU A 33 -8.14 16.22 17.68
CA GLU A 33 -7.80 15.00 18.39
C GLU A 33 -7.00 14.03 17.53
N MET A 34 -7.41 13.80 16.28
CA MET A 34 -6.71 12.81 15.47
C MET A 34 -5.28 13.21 15.21
N GLU A 35 -5.04 14.49 14.94
N GLU A 35 -5.04 14.49 14.94
CA GLU A 35 -3.69 14.98 14.72
CA GLU A 35 -3.68 14.96 14.73
C GLU A 35 -2.85 14.85 15.99
C GLU A 35 -2.85 14.84 16.00
N ARG A 36 -3.42 15.23 17.14
CA ARG A 36 -2.69 15.11 18.39
C ARG A 36 -2.28 13.66 18.65
N GLU A 37 -3.20 12.72 18.51
CA GLU A 37 -2.89 11.32 18.79
C GLU A 37 -1.86 10.76 17.82
N THR A 38 -1.91 11.19 16.57
CA THR A 38 -0.90 10.78 15.59
C THR A 38 0.47 11.30 15.99
N LEU A 39 0.57 12.56 16.39
CA LEU A 39 1.86 13.09 16.78
C LEU A 39 2.36 12.42 18.05
N LEU A 40 1.48 12.15 19.00
CA LEU A 40 1.92 11.45 20.20
C LEU A 40 2.41 10.06 19.87
N PHE A 41 1.78 9.38 18.93
CA PHE A 41 2.29 8.08 18.50
C PHE A 41 3.67 8.20 17.85
N GLU A 42 3.84 9.16 16.95
CA GLU A 42 5.14 9.38 16.35
C GLU A 42 6.21 9.62 17.42
N ARG A 43 5.89 10.46 18.41
CA ARG A 43 6.85 10.79 19.45
C ARG A 43 7.15 9.58 20.33
N SER A 44 6.17 8.70 20.55
CA SER A 44 6.43 7.50 21.34
C SER A 44 7.42 6.59 20.64
N GLN A 45 7.40 6.58 19.31
CA GLN A 45 8.38 5.78 18.56
C GLN A 45 9.76 6.41 18.67
N ILE A 46 9.83 7.73 18.55
CA ILE A 46 11.09 8.44 18.72
C ILE A 46 11.67 8.17 20.08
N MET A 47 10.83 8.19 21.12
CA MET A 47 11.31 7.97 22.48
C MET A 47 11.78 6.54 22.69
N GLN A 48 11.11 5.56 22.08
CA GLN A 48 11.58 4.20 22.22
C GLN A 48 12.97 4.05 21.61
N LYS A 49 13.18 4.61 20.43
CA LYS A 49 14.48 4.52 19.80
C LYS A 49 15.56 5.27 20.61
N TYR A 50 15.20 6.41 21.19
CA TYR A 50 16.10 7.15 22.06
C TYR A 50 16.50 6.29 23.26
N GLN A 51 15.51 5.66 23.92
N GLN A 51 15.52 5.64 23.89
CA GLN A 51 15.83 4.86 25.09
CA GLN A 51 15.84 4.88 25.07
C GLN A 51 16.67 3.65 24.71
C GLN A 51 16.62 3.62 24.74
N GLU A 52 16.37 3.03 23.56
CA GLU A 52 17.16 1.88 23.14
C GLU A 52 18.60 2.27 22.92
N ARG A 53 18.83 3.38 22.24
CA ARG A 53 20.20 3.85 22.05
C ARG A 53 20.88 4.15 23.37
N LYS A 54 20.15 4.74 24.33
CA LYS A 54 20.72 5.04 25.64
C LYS A 54 21.14 3.77 26.36
N LEU A 55 20.31 2.74 26.27
CA LEU A 55 20.62 1.45 26.87
C LEU A 55 21.86 0.84 26.25
N PHE A 56 21.92 0.81 24.93
CA PHE A 56 23.07 0.20 24.26
C PHE A 56 24.34 0.96 24.60
N ALA A 57 24.25 2.29 24.65
CA ALA A 57 25.42 3.09 24.99
C ALA A 57 25.88 2.82 26.42
N ALA A 58 24.93 2.63 27.34
CA ALA A 58 25.29 2.38 28.72
C ALA A 58 26.02 1.06 28.88
N ALA A 59 25.70 0.08 28.03
CA ALA A 59 26.32 -1.23 28.05
C ALA A 59 27.66 -1.25 27.33
N GLY A 60 28.02 -0.18 26.66
CA GLY A 60 29.30 -0.08 25.98
C GLY A 60 29.28 -0.41 24.52
N ALA A 61 28.10 -0.53 23.91
CA ALA A 61 28.01 -0.91 22.50
C ALA A 61 28.69 0.11 21.58
N GLU B 8 8.31 -11.56 -20.08
CA GLU B 8 7.28 -12.57 -20.36
C GLU B 8 6.20 -12.01 -21.28
N GLU B 9 5.51 -12.89 -22.00
CA GLU B 9 4.39 -12.47 -22.85
C GLU B 9 3.31 -11.84 -22.00
N ALA B 10 2.68 -10.79 -22.52
CA ALA B 10 1.75 -10.02 -21.72
C ALA B 10 0.37 -10.65 -21.76
N ASN B 11 -0.26 -10.66 -20.62
CA ASN B 11 -1.62 -11.11 -20.50
C ASN B 11 -2.52 -10.21 -21.35
N PRO B 12 -3.25 -10.75 -22.33
CA PRO B 12 -4.03 -9.87 -23.21
C PRO B 12 -5.25 -9.28 -22.55
N PHE B 13 -5.77 -9.90 -21.50
CA PHE B 13 -7.03 -9.49 -20.86
C PHE B 13 -6.84 -9.53 -19.37
N PRO B 14 -6.04 -8.60 -18.83
CA PRO B 14 -5.68 -8.65 -17.40
C PRO B 14 -6.79 -8.27 -16.46
N LEU B 15 -7.88 -7.66 -16.95
CA LEU B 15 -8.97 -7.22 -16.09
C LEU B 15 -10.05 -8.30 -16.08
N GLU B 16 -10.22 -8.94 -14.92
CA GLU B 16 -11.22 -9.97 -14.72
C GLU B 16 -11.08 -11.15 -15.69
N GLY B 17 -9.90 -11.33 -16.26
CA GLY B 17 -9.66 -12.39 -17.20
C GLY B 17 -10.30 -12.24 -18.55
N LYS B 18 -10.96 -11.11 -18.84
CA LYS B 18 -11.70 -10.99 -20.08
C LYS B 18 -11.74 -9.59 -20.69
N TYR B 19 -11.24 -8.58 -20.00
CA TYR B 19 -11.21 -7.23 -20.52
C TYR B 19 -9.79 -6.69 -20.50
N LYS B 20 -9.54 -5.72 -21.38
CA LYS B 20 -8.21 -5.12 -21.48
C LYS B 20 -8.00 -4.08 -20.39
N ASP B 21 -9.07 -3.36 -20.04
CA ASP B 21 -9.05 -2.19 -19.18
C ASP B 21 -10.47 -1.70 -19.04
N GLU B 22 -10.70 -0.61 -18.31
CA GLU B 22 -12.06 -0.22 -17.97
C GLU B 22 -12.84 0.25 -19.19
N SER B 23 -12.22 0.95 -20.13
N SER B 23 -12.21 0.97 -20.11
CA SER B 23 -13.02 1.40 -21.27
CA SER B 23 -12.92 1.40 -21.32
C SER B 23 -13.39 0.23 -22.17
C SER B 23 -13.40 0.21 -22.12
N ASP B 24 -12.54 -0.79 -22.24
CA ASP B 24 -12.88 -1.98 -23.00
C ASP B 24 -14.01 -2.75 -22.31
N ARG B 25 -14.00 -2.82 -20.98
CA ARG B 25 -15.11 -3.44 -20.26
C ARG B 25 -16.41 -2.72 -20.56
N GLU B 26 -16.39 -1.40 -20.48
CA GLU B 26 -17.61 -0.65 -20.73
C GLU B 26 -18.11 -0.86 -22.15
N HIS B 27 -17.19 -0.87 -23.12
CA HIS B 27 -17.56 -1.13 -24.50
C HIS B 27 -18.23 -2.49 -24.63
N LEU B 28 -17.58 -3.54 -24.13
CA LEU B 28 -18.14 -4.87 -24.33
C LEU B 28 -19.50 -4.99 -23.64
N GLU B 29 -19.62 -4.42 -22.45
CA GLU B 29 -20.89 -4.54 -21.72
C GLU B 29 -22.01 -3.76 -22.40
N SER B 30 -21.69 -2.82 -23.27
CA SER B 30 -22.68 -2.06 -24.01
C SER B 30 -23.15 -2.75 -25.29
N LEU B 31 -22.53 -3.85 -25.69
CA LEU B 31 -22.85 -4.47 -26.95
C LEU B 31 -24.11 -5.32 -26.83
N PRO B 32 -24.80 -5.56 -27.95
CA PRO B 32 -25.89 -6.54 -27.95
C PRO B 32 -25.40 -7.91 -27.51
N GLU B 33 -26.31 -8.70 -26.95
CA GLU B 33 -25.95 -9.99 -26.37
C GLU B 33 -25.14 -10.86 -27.32
N MET B 34 -25.60 -11.02 -28.57
CA MET B 34 -24.91 -11.97 -29.45
C MET B 34 -23.47 -11.54 -29.72
N GLU B 35 -23.27 -10.26 -29.98
CA GLU B 35 -21.92 -9.76 -30.21
C GLU B 35 -21.08 -9.91 -28.96
N ARG B 36 -21.62 -9.58 -27.79
CA ARG B 36 -20.86 -9.71 -26.56
C ARG B 36 -20.44 -11.15 -26.33
N GLU B 37 -21.36 -12.10 -26.48
CA GLU B 37 -21.03 -13.49 -26.21
C GLU B 37 -20.04 -14.03 -27.22
N THR B 38 -20.09 -13.56 -28.46
CA THR B 38 -19.12 -13.97 -29.45
C THR B 38 -17.73 -13.46 -29.09
N LEU B 39 -17.62 -12.20 -28.69
CA LEU B 39 -16.34 -11.66 -28.31
C LEU B 39 -15.80 -12.34 -27.06
N LEU B 40 -16.65 -12.61 -26.08
CA LEU B 40 -16.18 -13.31 -24.90
C LEU B 40 -15.71 -14.71 -25.24
N PHE B 41 -16.37 -15.38 -26.18
CA PHE B 41 -15.87 -16.67 -26.63
C PHE B 41 -14.50 -16.54 -27.28
N GLU B 42 -14.35 -15.61 -28.22
CA GLU B 42 -13.05 -15.36 -28.84
C GLU B 42 -11.97 -15.13 -27.79
N ARG B 43 -12.27 -14.29 -26.80
CA ARG B 43 -11.28 -13.98 -25.78
C ARG B 43 -10.96 -15.17 -24.92
N SER B 44 -11.94 -16.03 -24.65
CA SER B 44 -11.68 -17.22 -23.86
C SER B 44 -10.71 -18.15 -24.58
N GLN B 45 -10.77 -18.20 -25.90
CA GLN B 45 -9.81 -19.01 -26.64
C GLN B 45 -8.43 -18.41 -26.58
N ILE B 46 -8.34 -17.09 -26.72
CA ILE B 46 -7.07 -16.41 -26.59
C ILE B 46 -6.47 -16.68 -25.22
N MET B 47 -7.28 -16.60 -24.17
CA MET B 47 -6.77 -16.79 -22.82
C MET B 47 -6.35 -18.23 -22.56
N GLN B 48 -7.02 -19.21 -23.14
CA GLN B 48 -6.58 -20.57 -22.99
C GLN B 48 -5.20 -20.77 -23.60
N LYS B 49 -4.96 -20.18 -24.77
CA LYS B 49 -3.66 -20.31 -25.41
C LYS B 49 -2.59 -19.58 -24.59
N TYR B 50 -2.91 -18.42 -24.06
CA TYR B 50 -2.01 -17.68 -23.19
C TYR B 50 -1.63 -18.51 -21.97
N GLN B 51 -2.62 -19.15 -21.34
N GLN B 51 -2.62 -19.12 -21.32
CA GLN B 51 -2.31 -19.87 -20.11
CA GLN B 51 -2.34 -19.89 -20.10
C GLN B 51 -1.55 -21.15 -20.41
C GLN B 51 -1.53 -21.13 -20.43
N GLU B 52 -1.81 -21.76 -21.56
CA GLU B 52 -1.02 -22.91 -21.98
C GLU B 52 0.43 -22.52 -22.18
N ARG B 53 0.68 -21.40 -22.84
CA ARG B 53 2.05 -20.93 -23.00
C ARG B 53 2.71 -20.62 -21.66
N LYS B 54 1.96 -20.05 -20.71
CA LYS B 54 2.52 -19.77 -19.39
C LYS B 54 2.91 -21.06 -18.71
N LEU B 55 2.08 -22.09 -18.84
CA LEU B 55 2.37 -23.39 -18.25
C LEU B 55 3.62 -23.99 -18.86
N PHE B 56 3.71 -24.00 -20.19
CA PHE B 56 4.88 -24.59 -20.82
C PHE B 56 6.15 -23.82 -20.47
N ALA B 57 6.04 -22.49 -20.36
CA ALA B 57 7.19 -21.70 -19.96
C ALA B 57 7.63 -22.02 -18.53
N ALA B 58 6.68 -22.22 -17.63
CA ALA B 58 7.04 -22.56 -16.25
C ALA B 58 7.79 -23.88 -16.18
N ALA B 59 7.40 -24.85 -17.01
CA ALA B 59 8.04 -26.16 -17.04
C ALA B 59 9.40 -26.13 -17.73
N GLY B 60 9.65 -25.13 -18.57
CA GLY B 60 10.94 -24.97 -19.19
C GLY B 60 11.96 -24.30 -18.32
N ALA B 61 11.56 -23.80 -17.16
CA ALA B 61 12.51 -23.24 -16.21
C ALA B 61 13.36 -24.36 -15.61
#